data_9D5P
#
_entry.id   9D5P
#
_cell.length_a   44.265
_cell.length_b   118.294
_cell.length_c   47.568
_cell.angle_alpha   90.000
_cell.angle_beta   101.462
_cell.angle_gamma   90.000
#
_symmetry.space_group_name_H-M   'P 1 21 1'
#
loop_
_entity.id
_entity.type
_entity.pdbx_description
1 polymer 'Integrin-linked protein kinase'
2 polymer Alpha-parvin
3 non-polymer [6,7-BIS(2-METHOXY-ETHOXY)QUINAZOLINE-4-YL]-(3-ETHYNYLPHENYL)AMINE
4 non-polymer 2-[3-(2-HYDROXY-1,1-DIHYDROXYMETHYL-ETHYLAMINO)-PROPYLAMINO]-2-HYDROXYMETHYL-PROPANE-1,3-DIOL
5 water water
#
loop_
_entity_poly.entity_id
_entity_poly.type
_entity_poly.pdbx_seq_one_letter_code
_entity_poly.pdbx_strand_id
1 'polypeptide(L)'
;MNKHSGIDFKQLNFLTKLNENHSGELWKGRWQGNDIVVKVLKVRDWSTRKSRDFNEECPRLRIFSHPNVLPVLGACQSPP
APHPTLITHWMPYGSLYNVLHEGTNFVVDQSQAVKFALDMARGMAFLHTLEPLIPRHALNSRSVMIDEDMTARISMADVK
FSFQSPGRMYAPAWVAPEALQKKPEDTNRRSADMWSFAVLLWELVTREVPFADLSNMEIGMKVALEGLRPTIPPGISPHV
SKLMKICMNEDPAKRPKFDMIVPILEKMQDK
;
A
2 'polypeptide(L)'
;GSHMDAFDTLFDHAPDKLNVVKKTLITFVNKHLNKLNLEVTELETQFADGVYLVLLMGLLEGYFVPLHSFFLTPDSFEQK
VLNVSFAFELMQDGGLEKPKPRPEDIVNCDLKSTLRVLYNLFTKYRNVE
;
B
#
# COMPACT_ATOMS: atom_id res chain seq x y z
N MET A 1 -13.28 30.74 -14.94
CA MET A 1 -11.99 30.41 -14.34
C MET A 1 -12.15 29.25 -13.35
N ASN A 2 -11.03 28.58 -13.04
CA ASN A 2 -11.06 27.48 -12.09
C ASN A 2 -11.28 28.00 -10.66
N LYS A 3 -11.91 27.15 -9.83
CA LYS A 3 -12.18 27.56 -8.45
C LYS A 3 -10.90 27.62 -7.63
N HIS A 4 -9.96 26.73 -7.90
CA HIS A 4 -8.66 26.69 -7.25
C HIS A 4 -7.57 26.70 -8.31
N SER A 5 -6.60 27.60 -8.17
CA SER A 5 -5.39 27.50 -8.97
C SER A 5 -4.37 26.56 -8.33
N GLY A 6 -4.58 26.17 -7.07
CA GLY A 6 -3.61 25.36 -6.36
C GLY A 6 -2.40 26.19 -5.95
N ILE A 7 -1.44 25.51 -5.37
CA ILE A 7 -0.18 26.15 -4.98
C ILE A 7 0.70 26.29 -6.20
N ASP A 8 1.36 27.44 -6.34
CA ASP A 8 2.29 27.67 -7.44
C ASP A 8 3.58 26.92 -7.15
N PHE A 9 3.90 25.93 -8.00
CA PHE A 9 5.13 25.17 -7.86
C PHE A 9 6.36 26.06 -7.80
N LYS A 10 6.33 27.18 -8.52
CA LYS A 10 7.46 28.12 -8.53
C LYS A 10 7.73 28.72 -7.16
N GLN A 11 6.74 28.75 -6.28
CA GLN A 11 6.93 29.32 -4.95
C GLN A 11 7.51 28.33 -3.95
N LEU A 12 7.71 27.07 -4.34
CA LEU A 12 8.26 26.10 -3.40
C LEU A 12 9.77 26.23 -3.33
N ASN A 13 10.28 26.29 -2.11
CA ASN A 13 11.71 26.20 -1.84
C ASN A 13 12.01 24.76 -1.46
N PHE A 14 12.64 24.01 -2.37
CA PHE A 14 13.06 22.64 -2.09
C PHE A 14 14.40 22.66 -1.37
N LEU A 15 14.45 22.13 -0.15
CA LEU A 15 15.67 22.19 0.65
C LEU A 15 16.46 20.89 0.61
N THR A 16 15.82 19.76 0.90
CA THR A 16 16.59 18.53 0.97
C THR A 16 15.68 17.36 0.68
N LYS A 17 16.18 16.40 -0.07
CA LYS A 17 15.40 15.25 -0.44
C LYS A 17 15.41 14.25 0.71
N LEU A 18 14.22 13.76 1.07
CA LEU A 18 14.05 12.83 2.16
C LEU A 18 14.01 11.38 1.70
N ASN A 19 13.32 11.09 0.60
CA ASN A 19 13.13 9.71 0.18
C ASN A 19 12.69 9.68 -1.27
N GLU A 20 12.83 8.50 -1.87
CA GLU A 20 12.28 8.26 -3.19
C GLU A 20 11.92 6.79 -3.27
N ASN A 21 10.78 6.51 -3.88
CA ASN A 21 10.36 5.13 -4.07
C ASN A 21 9.41 5.06 -5.26
N HIS A 22 8.71 3.93 -5.38
CA HIS A 22 7.82 3.68 -6.50
C HIS A 22 6.77 4.78 -6.67
N SER A 23 6.35 5.40 -5.57
CA SER A 23 5.24 6.34 -5.62
C SER A 23 5.67 7.77 -5.90
N GLY A 24 6.96 8.07 -5.81
CA GLY A 24 7.39 9.43 -5.98
C GLY A 24 8.52 9.77 -5.03
N GLU A 25 8.66 11.07 -4.75
CA GLU A 25 9.77 11.61 -3.97
C GLU A 25 9.24 12.51 -2.88
N LEU A 26 9.85 12.45 -1.70
CA LEU A 26 9.56 13.38 -0.62
C LEU A 26 10.74 14.32 -0.40
N TRP A 27 10.42 15.60 -0.26
CA TRP A 27 11.39 16.66 0.01
C TRP A 27 10.95 17.45 1.23
N LYS A 28 11.91 17.88 2.04
CA LYS A 28 11.66 18.92 3.01
C LYS A 28 11.85 20.27 2.33
N GLY A 29 11.00 21.23 2.65
CA GLY A 29 11.09 22.50 1.99
C GLY A 29 10.40 23.59 2.78
N ARG A 30 10.22 24.73 2.12
CA ARG A 30 9.54 25.88 2.69
C ARG A 30 8.60 26.49 1.65
N TRP A 31 7.49 27.02 2.13
CA TRP A 31 6.49 27.67 1.27
C TRP A 31 5.69 28.63 2.12
N GLN A 32 5.67 29.90 1.72
CA GLN A 32 4.96 30.98 2.41
C GLN A 32 5.08 30.90 3.94
N GLY A 33 6.31 30.80 4.41
CA GLY A 33 6.60 30.84 5.83
C GLY A 33 6.35 29.56 6.59
N ASN A 34 6.03 28.48 5.88
CA ASN A 34 5.76 27.18 6.46
C ASN A 34 6.93 26.25 6.20
N ASP A 35 7.26 25.44 7.20
CA ASP A 35 8.13 24.28 6.97
C ASP A 35 7.27 23.13 6.47
N ILE A 36 7.60 22.61 5.29
CA ILE A 36 6.71 21.69 4.59
C ILE A 36 7.46 20.43 4.18
N VAL A 37 6.66 19.41 3.87
CA VAL A 37 7.09 18.28 3.07
C VAL A 37 6.37 18.37 1.75
N VAL A 38 7.12 18.12 0.67
CA VAL A 38 6.60 18.09 -0.69
C VAL A 38 6.66 16.65 -1.17
N LYS A 39 5.54 16.14 -1.71
CA LYS A 39 5.57 14.85 -2.38
C LYS A 39 5.34 15.08 -3.87
N VAL A 40 6.34 14.72 -4.66
CA VAL A 40 6.26 14.77 -6.11
C VAL A 40 5.85 13.38 -6.58
N LEU A 41 4.67 13.28 -7.21
CA LEU A 41 4.11 11.97 -7.51
C LEU A 41 4.66 11.41 -8.81
N LYS A 42 4.94 10.10 -8.81
CA LYS A 42 5.33 9.36 -10.00
C LYS A 42 4.07 8.71 -10.56
N VAL A 43 3.75 9.00 -11.83
CA VAL A 43 2.56 8.43 -12.47
C VAL A 43 2.93 7.98 -13.87
N ARG A 44 2.54 6.76 -14.22
CA ARG A 44 2.69 6.26 -15.58
C ARG A 44 1.50 6.70 -16.42
N ASP A 45 1.76 7.11 -17.65
CA ASP A 45 0.70 7.49 -18.59
C ASP A 45 -0.18 8.61 -18.02
N TRP A 46 0.47 9.68 -17.58
CA TRP A 46 -0.27 10.85 -17.13
C TRP A 46 -1.10 11.38 -18.28
N SER A 47 -2.28 11.89 -17.96
CA SER A 47 -3.22 12.34 -18.98
C SER A 47 -4.00 13.52 -18.44
N THR A 48 -4.72 14.19 -19.35
CA THR A 48 -5.57 15.29 -18.92
C THR A 48 -6.67 14.81 -17.99
N ARG A 49 -7.22 13.63 -18.26
CA ARG A 49 -8.25 13.05 -17.38
C ARG A 49 -7.71 12.86 -15.97
N LYS A 50 -6.52 12.23 -15.85
CA LYS A 50 -5.93 12.00 -14.54
C LYS A 50 -5.60 13.32 -13.85
N SER A 51 -5.14 14.31 -14.62
CA SER A 51 -4.85 15.61 -14.05
C SER A 51 -6.11 16.30 -13.55
N ARG A 52 -7.18 16.23 -14.33
CA ARG A 52 -8.46 16.76 -13.88
C ARG A 52 -8.89 16.08 -12.59
N ASP A 53 -8.73 14.75 -12.53
CA ASP A 53 -9.12 13.98 -11.34
C ASP A 53 -8.29 14.38 -10.14
N PHE A 54 -6.97 14.48 -10.31
CA PHE A 54 -6.10 14.96 -9.23
C PHE A 54 -6.61 16.29 -8.68
N ASN A 55 -6.96 17.22 -9.56
CA ASN A 55 -7.37 18.54 -9.09
C ASN A 55 -8.75 18.52 -8.43
N GLU A 56 -9.59 17.51 -8.71
CA GLU A 56 -10.85 17.38 -7.98
C GLU A 56 -10.69 16.63 -6.66
N GLU A 57 -9.67 15.76 -6.55
CA GLU A 57 -9.50 14.94 -5.36
C GLU A 57 -8.75 15.69 -4.26
N CYS A 58 -7.82 16.55 -4.63
CA CYS A 58 -6.99 17.24 -3.64
C CYS A 58 -7.76 18.19 -2.73
N PRO A 59 -8.76 18.95 -3.20
CA PRO A 59 -9.41 19.89 -2.29
C PRO A 59 -10.00 19.24 -1.06
N ARG A 60 -10.43 17.98 -1.16
CA ARG A 60 -11.05 17.31 -0.03
C ARG A 60 -10.07 17.05 1.09
N LEU A 61 -8.77 17.06 0.77
CA LEU A 61 -7.71 16.75 1.71
C LEU A 61 -7.32 17.95 2.56
N ARG A 62 -7.81 19.13 2.22
CA ARG A 62 -7.44 20.35 2.94
C ARG A 62 -8.36 20.54 4.15
N ILE A 63 -8.12 19.72 5.17
CA ILE A 63 -8.96 19.66 6.36
C ILE A 63 -8.25 20.37 7.50
N PHE A 64 -8.75 21.55 7.90
CA PHE A 64 -8.11 22.38 8.91
C PHE A 64 -8.87 22.41 10.23
N SER A 65 -9.92 21.60 10.36
CA SER A 65 -10.87 21.75 11.46
C SER A 65 -10.73 20.70 12.56
N HIS A 66 -9.69 19.88 12.54
CA HIS A 66 -9.57 18.89 13.62
C HIS A 66 -8.11 18.70 14.03
N PRO A 67 -7.79 18.76 15.31
CA PRO A 67 -6.37 18.68 15.72
C PRO A 67 -5.70 17.37 15.37
N ASN A 68 -6.47 16.29 15.24
CA ASN A 68 -5.88 14.99 14.95
C ASN A 68 -5.97 14.63 13.48
N VAL A 69 -6.19 15.62 12.61
CA VAL A 69 -6.11 15.45 11.16
C VAL A 69 -5.07 16.42 10.62
N LEU A 70 -4.10 15.91 9.87
CA LEU A 70 -3.08 16.77 9.27
C LEU A 70 -3.49 17.10 7.85
N PRO A 71 -3.81 18.36 7.53
CA PRO A 71 -4.27 18.68 6.17
C PRO A 71 -3.16 18.59 5.15
N VAL A 72 -3.57 18.32 3.92
CA VAL A 72 -2.81 18.80 2.77
C VAL A 72 -2.97 20.31 2.73
N LEU A 73 -1.84 21.04 2.72
CA LEU A 73 -1.95 22.49 2.61
C LEU A 73 -2.42 22.89 1.22
N GLY A 74 -2.01 22.15 0.21
CA GLY A 74 -2.46 22.38 -1.14
C GLY A 74 -1.67 21.49 -2.07
N ALA A 75 -1.94 21.66 -3.35
CA ALA A 75 -1.37 20.80 -4.37
C ALA A 75 -0.99 21.65 -5.58
N CYS A 76 0.02 21.19 -6.31
CA CYS A 76 0.42 21.81 -7.56
C CYS A 76 -0.20 21.06 -8.72
N GLN A 77 -1.01 21.76 -9.50
CA GLN A 77 -1.64 21.18 -10.68
C GLN A 77 -0.62 21.01 -11.79
N SER A 78 -0.75 19.91 -12.52
CA SER A 78 0.22 19.53 -13.55
C SER A 78 -0.54 19.14 -14.81
N PRO A 79 -0.56 19.99 -15.86
CA PRO A 79 0.12 21.28 -15.97
C PRO A 79 -0.52 22.35 -15.07
N PRO A 80 0.20 23.45 -14.78
CA PRO A 80 1.49 23.85 -15.33
C PRO A 80 2.73 23.30 -14.59
N ALA A 81 2.56 22.70 -13.41
CA ALA A 81 3.70 22.18 -12.68
C ALA A 81 4.31 20.98 -13.40
N PRO A 82 5.59 20.69 -13.16
CA PRO A 82 6.21 19.54 -13.84
C PRO A 82 5.55 18.21 -13.56
N HIS A 83 5.03 18.00 -12.35
CA HIS A 83 4.45 16.73 -11.95
C HIS A 83 3.37 17.05 -10.94
N PRO A 84 2.36 16.20 -10.80
CA PRO A 84 1.40 16.39 -9.71
C PRO A 84 2.10 16.31 -8.37
N THR A 85 1.87 17.32 -7.53
CA THR A 85 2.65 17.55 -6.32
C THR A 85 1.73 17.91 -5.15
N LEU A 86 2.03 17.36 -3.97
CA LEU A 86 1.30 17.61 -2.74
C LEU A 86 2.19 18.33 -1.74
N ILE A 87 1.61 19.20 -0.91
CA ILE A 87 2.33 19.91 0.15
C ILE A 87 1.62 19.68 1.48
N THR A 88 2.38 19.37 2.52
CA THR A 88 1.82 19.32 3.88
C THR A 88 2.84 19.89 4.85
N HIS A 89 2.44 20.09 6.10
CA HIS A 89 3.38 20.57 7.11
C HIS A 89 4.38 19.48 7.50
N TRP A 90 5.62 19.91 7.72
CA TRP A 90 6.66 19.04 8.28
C TRP A 90 6.32 18.72 9.73
N MET A 91 6.21 17.41 10.03
CA MET A 91 5.92 16.92 11.37
C MET A 91 7.23 16.50 12.02
N PRO A 92 7.69 17.20 13.07
CA PRO A 92 9.09 17.01 13.52
C PRO A 92 9.47 15.60 13.94
N TYR A 93 8.53 14.79 14.45
CA TYR A 93 8.85 13.43 14.86
C TYR A 93 8.61 12.41 13.78
N GLY A 94 8.06 12.80 12.63
CA GLY A 94 7.85 11.84 11.56
C GLY A 94 6.63 10.99 11.81
N SER A 95 6.59 9.82 11.18
CA SER A 95 5.42 8.97 11.27
C SER A 95 5.38 8.25 12.61
N LEU A 96 4.18 7.80 12.97
CA LEU A 96 4.05 6.89 14.10
C LEU A 96 4.94 5.67 13.93
N TYR A 97 5.04 5.16 12.70
CA TYR A 97 5.89 4.02 12.43
C TYR A 97 7.32 4.32 12.85
N ASN A 98 7.82 5.49 12.46
CA ASN A 98 9.19 5.82 12.78
C ASN A 98 9.36 6.02 14.28
N VAL A 99 8.37 6.63 14.94
CA VAL A 99 8.49 6.87 16.37
C VAL A 99 8.48 5.56 17.16
N LEU A 100 7.66 4.59 16.73
CA LEU A 100 7.58 3.32 17.42
C LEU A 100 8.73 2.37 17.08
N HIS A 101 9.15 2.34 15.82
CA HIS A 101 10.02 1.26 15.35
C HIS A 101 11.42 1.70 14.96
N GLU A 102 11.64 3.00 14.77
CA GLU A 102 12.92 3.53 14.34
C GLU A 102 13.34 4.68 15.24
N GLY A 103 12.94 4.62 16.51
CA GLY A 103 13.23 5.68 17.44
C GLY A 103 14.52 5.39 18.18
N THR A 104 15.61 6.00 17.73
CA THR A 104 16.94 5.69 18.23
C THR A 104 17.26 6.41 19.53
N ASN A 105 16.45 7.35 19.96
CA ASN A 105 16.81 8.23 21.06
C ASN A 105 15.91 8.12 22.29
N PHE A 106 14.67 7.67 22.13
CA PHE A 106 13.78 7.49 23.28
C PHE A 106 12.74 6.46 22.90
N VAL A 107 12.16 5.83 23.92
CA VAL A 107 11.08 4.88 23.73
C VAL A 107 9.83 5.48 24.36
N VAL A 108 8.79 5.72 23.56
CA VAL A 108 7.60 6.33 24.13
C VAL A 108 6.98 5.38 25.15
N ASP A 109 6.47 5.95 26.24
CA ASP A 109 5.93 5.11 27.29
C ASP A 109 4.48 4.76 26.99
N GLN A 110 3.91 3.90 27.83
CA GLN A 110 2.58 3.41 27.47
C GLN A 110 1.52 4.47 27.70
N SER A 111 1.74 5.43 28.60
CA SER A 111 0.82 6.55 28.69
C SER A 111 0.79 7.34 27.39
N GLN A 112 1.96 7.54 26.77
CA GLN A 112 1.99 8.22 25.48
C GLN A 112 1.33 7.36 24.40
N ALA A 113 1.54 6.04 24.45
CA ALA A 113 0.90 5.15 23.50
C ALA A 113 -0.62 5.23 23.58
N VAL A 114 -1.17 5.25 24.80
CA VAL A 114 -2.61 5.35 24.95
C VAL A 114 -3.11 6.69 24.43
N LYS A 115 -2.32 7.77 24.61
CA LYS A 115 -2.69 9.07 24.07
C LYS A 115 -2.65 9.06 22.53
N PHE A 116 -1.64 8.41 21.94
CA PHE A 116 -1.64 8.25 20.49
C PHE A 116 -2.91 7.54 20.03
N ALA A 117 -3.30 6.48 20.74
CA ALA A 117 -4.50 5.73 20.37
C ALA A 117 -5.73 6.63 20.41
N LEU A 118 -5.87 7.41 21.49
CA LEU A 118 -7.00 8.34 21.60
C LEU A 118 -6.97 9.37 20.49
N ASP A 119 -5.79 9.96 20.23
CA ASP A 119 -5.63 10.94 19.16
C ASP A 119 -6.13 10.36 17.83
N MET A 120 -5.68 9.15 17.51
CA MET A 120 -6.01 8.57 16.22
C MET A 120 -7.50 8.24 16.17
N ALA A 121 -8.06 7.78 17.29
CA ALA A 121 -9.49 7.45 17.29
C ALA A 121 -10.34 8.71 17.11
N ARG A 122 -9.93 9.83 17.72
CA ARG A 122 -10.65 11.08 17.53
C ARG A 122 -10.55 11.55 16.09
N GLY A 123 -9.36 11.47 15.48
CA GLY A 123 -9.23 11.90 14.10
C GLY A 123 -10.04 11.03 13.14
N MET A 124 -10.03 9.71 13.36
CA MET A 124 -10.84 8.83 12.53
C MET A 124 -12.33 9.06 12.74
N ALA A 125 -12.77 9.27 13.98
CA ALA A 125 -14.18 9.56 14.18
C ALA A 125 -14.59 10.80 13.40
N PHE A 126 -13.75 11.83 13.39
CA PHE A 126 -14.06 13.02 12.61
C PHE A 126 -14.13 12.69 11.12
N LEU A 127 -13.11 12.01 10.59
CA LEU A 127 -13.10 11.69 9.17
C LEU A 127 -14.33 10.86 8.79
N HIS A 128 -14.80 10.01 9.70
CA HIS A 128 -15.96 9.20 9.39
C HIS A 128 -17.26 9.99 9.41
N THR A 129 -17.26 11.24 9.88
CA THR A 129 -18.44 12.09 9.74
C THR A 129 -18.56 12.74 8.37
N LEU A 130 -17.52 12.67 7.54
CA LEU A 130 -17.58 13.35 6.26
C LEU A 130 -18.45 12.60 5.28
N GLU A 131 -19.15 13.35 4.42
CA GLU A 131 -20.07 12.79 3.44
C GLU A 131 -19.76 13.35 2.05
N PRO A 132 -19.30 12.52 1.10
CA PRO A 132 -18.98 11.10 1.32
C PRO A 132 -17.64 10.96 2.04
N LEU A 133 -17.32 9.74 2.44
CA LEU A 133 -16.01 9.47 3.02
C LEU A 133 -14.92 9.91 2.03
N ILE A 134 -13.80 10.38 2.57
CA ILE A 134 -12.60 10.59 1.74
C ILE A 134 -12.21 9.22 1.18
N PRO A 135 -12.18 9.03 -0.13
CA PRO A 135 -11.89 7.70 -0.66
C PRO A 135 -10.40 7.40 -0.62
N ARG A 136 -10.10 6.10 -0.58
CA ARG A 136 -8.73 5.59 -0.77
C ARG A 136 -7.78 6.02 0.34
N HIS A 137 -8.30 6.19 1.55
CA HIS A 137 -7.48 6.50 2.69
C HIS A 137 -7.27 5.24 3.53
N ALA A 138 -6.02 4.81 3.65
CA ALA A 138 -5.67 3.62 4.42
C ALA A 138 -5.01 4.04 5.72
N LEU A 139 -5.55 3.58 6.84
CA LEU A 139 -5.00 3.85 8.16
C LEU A 139 -3.94 2.81 8.50
N ASN A 140 -2.74 3.29 8.81
CA ASN A 140 -1.65 2.43 9.27
C ASN A 140 -0.64 3.34 9.97
N SER A 141 0.42 2.76 10.53
CA SER A 141 1.32 3.60 11.31
C SER A 141 2.18 4.53 10.44
N ARG A 142 2.31 4.24 9.13
CA ARG A 142 3.01 5.18 8.28
C ARG A 142 2.14 6.36 7.87
N SER A 143 0.82 6.25 7.97
CA SER A 143 -0.06 7.34 7.55
C SER A 143 -0.59 8.14 8.73
N VAL A 144 0.06 8.02 9.88
CA VAL A 144 -0.19 8.84 11.04
C VAL A 144 1.12 9.55 11.35
N MET A 145 1.06 10.86 11.56
CA MET A 145 2.25 11.64 11.87
C MET A 145 2.22 12.20 13.28
N ILE A 146 3.40 12.44 13.83
CA ILE A 146 3.56 12.89 15.21
C ILE A 146 4.11 14.31 15.16
N ASP A 147 3.30 15.26 15.64
CA ASP A 147 3.61 16.68 15.57
C ASP A 147 4.53 17.10 16.72
N GLU A 148 4.87 18.39 16.73
CA GLU A 148 5.91 18.89 17.62
C GLU A 148 5.57 18.74 19.10
N ASP A 149 4.28 18.69 19.46
CA ASP A 149 3.85 18.45 20.84
C ASP A 149 3.46 16.99 21.10
N MET A 150 3.88 16.08 20.22
CA MET A 150 3.61 14.64 20.26
C MET A 150 2.16 14.29 19.97
N THR A 151 1.37 15.22 19.44
CA THR A 151 0.01 14.91 19.00
C THR A 151 0.07 14.04 17.76
N ALA A 152 -0.69 12.93 17.77
CA ALA A 152 -0.81 12.10 16.59
C ALA A 152 -1.89 12.64 15.67
N ARG A 153 -1.59 12.63 14.37
CA ARG A 153 -2.49 13.24 13.38
C ARG A 153 -2.60 12.33 12.16
N ILE A 154 -3.82 12.08 11.72
CA ILE A 154 -4.02 11.30 10.49
C ILE A 154 -3.55 12.14 9.30
N SER A 155 -2.66 11.57 8.48
CA SER A 155 -2.09 12.32 7.37
C SER A 155 -2.99 12.22 6.14
N MET A 156 -3.60 13.34 5.77
CA MET A 156 -4.36 13.40 4.52
C MET A 156 -3.48 13.32 3.29
N ALA A 157 -2.19 13.66 3.41
CA ALA A 157 -1.31 13.59 2.24
C ALA A 157 -0.96 12.18 1.86
N ASP A 158 -1.29 11.20 2.68
CA ASP A 158 -0.94 9.83 2.37
C ASP A 158 -2.09 9.08 1.70
N VAL A 159 -3.17 9.77 1.33
CA VAL A 159 -4.23 9.10 0.59
C VAL A 159 -3.69 8.63 -0.75
N LYS A 160 -4.34 7.61 -1.30
CA LYS A 160 -4.06 7.22 -2.67
C LYS A 160 -5.02 7.93 -3.62
N PHE A 161 -4.53 8.21 -4.81
CA PHE A 161 -5.34 8.88 -5.82
C PHE A 161 -5.89 7.86 -6.81
N SER A 162 -6.98 8.26 -7.48
CA SER A 162 -7.65 7.37 -8.43
C SER A 162 -6.71 6.83 -9.51
N PHE A 163 -5.68 7.58 -9.87
CA PHE A 163 -4.76 7.16 -10.94
C PHE A 163 -3.59 6.34 -10.42
N GLN A 164 -3.50 6.12 -9.11
CA GLN A 164 -2.49 5.23 -8.57
C GLN A 164 -3.07 3.82 -8.50
N SER A 165 -2.26 2.84 -8.86
CA SER A 165 -2.78 1.50 -9.13
C SER A 165 -3.47 0.92 -7.91
N PRO A 166 -4.77 0.64 -7.96
CA PRO A 166 -5.42 -0.08 -6.85
C PRO A 166 -4.99 -1.53 -6.74
N GLY A 167 -4.29 -2.07 -7.74
CA GLY A 167 -3.82 -3.44 -7.71
C GLY A 167 -2.53 -3.69 -6.94
N ARG A 168 -1.90 -2.65 -6.39
CA ARG A 168 -0.65 -2.79 -5.65
C ARG A 168 -0.86 -2.23 -4.25
N MET A 169 -0.84 -3.11 -3.25
CA MET A 169 -1.12 -2.73 -1.87
C MET A 169 0.13 -2.97 -1.00
N TYR A 170 0.65 -1.89 -0.39
CA TYR A 170 2.00 -1.92 0.20
C TYR A 170 2.04 -2.02 1.72
N ALA A 171 0.90 -1.91 2.39
CA ALA A 171 0.85 -2.10 3.84
C ALA A 171 -0.32 -3.02 4.19
N PRO A 172 -0.35 -4.23 3.63
CA PRO A 172 -1.51 -5.09 3.88
C PRO A 172 -1.68 -5.54 5.32
N ALA A 173 -0.64 -5.44 6.17
CA ALA A 173 -0.79 -5.96 7.54
C ALA A 173 -1.84 -5.20 8.33
N TRP A 174 -2.17 -3.98 7.94
CA TRP A 174 -3.17 -3.17 8.62
C TRP A 174 -4.55 -3.25 7.99
N VAL A 175 -4.71 -3.98 6.88
CA VAL A 175 -5.94 -3.97 6.09
C VAL A 175 -6.88 -5.07 6.55
N ALA A 176 -8.18 -4.74 6.66
CA ALA A 176 -9.16 -5.72 7.10
C ALA A 176 -9.22 -6.89 6.11
N PRO A 177 -9.47 -8.12 6.59
CA PRO A 177 -9.52 -9.26 5.68
C PRO A 177 -10.48 -9.07 4.52
N GLU A 178 -11.64 -8.46 4.76
CA GLU A 178 -12.58 -8.28 3.66
C GLU A 178 -12.04 -7.29 2.64
N ALA A 179 -11.25 -6.32 3.06
CA ALA A 179 -10.70 -5.34 2.14
C ALA A 179 -9.50 -5.86 1.36
N LEU A 180 -8.94 -7.00 1.76
CA LEU A 180 -7.95 -7.67 0.94
C LEU A 180 -8.58 -8.37 -0.24
N GLN A 181 -9.89 -8.61 -0.20
CA GLN A 181 -10.57 -9.50 -1.13
C GLN A 181 -11.68 -8.86 -1.93
N LYS A 182 -12.32 -7.82 -1.40
CA LYS A 182 -13.51 -7.24 -2.01
C LYS A 182 -13.25 -5.80 -2.42
N LYS A 183 -13.91 -5.37 -3.50
CA LYS A 183 -13.77 -4.00 -3.94
C LYS A 183 -14.28 -3.06 -2.84
N PRO A 184 -13.71 -1.86 -2.74
CA PRO A 184 -14.17 -0.92 -1.71
C PRO A 184 -15.67 -0.67 -1.74
N GLU A 185 -16.26 -0.53 -2.93
CA GLU A 185 -17.69 -0.34 -3.03
C GLU A 185 -18.50 -1.52 -2.52
N ASP A 186 -17.87 -2.67 -2.28
CA ASP A 186 -18.55 -3.82 -1.69
C ASP A 186 -18.18 -4.04 -0.24
N THR A 187 -17.54 -3.08 0.41
CA THR A 187 -17.23 -3.21 1.82
C THR A 187 -17.78 -2.02 2.57
N ASN A 188 -18.01 -2.23 3.86
CA ASN A 188 -18.23 -1.11 4.76
C ASN A 188 -16.87 -0.51 5.09
N ARG A 189 -16.59 0.65 4.52
CA ARG A 189 -15.25 1.21 4.62
C ARG A 189 -14.95 1.67 6.05
N ARG A 190 -15.97 2.16 6.77
CA ARG A 190 -15.71 2.56 8.15
C ARG A 190 -15.33 1.37 9.01
N SER A 191 -16.04 0.24 8.86
CA SER A 191 -15.70 -0.94 9.66
C SER A 191 -14.33 -1.48 9.28
N ALA A 192 -13.95 -1.37 8.00
CA ALA A 192 -12.61 -1.79 7.59
C ALA A 192 -11.55 -0.95 8.30
N ASP A 193 -11.78 0.36 8.43
CA ASP A 193 -10.83 1.23 9.14
C ASP A 193 -10.68 0.82 10.60
N MET A 194 -11.73 0.29 11.22
CA MET A 194 -11.61 -0.13 12.62
C MET A 194 -10.68 -1.32 12.76
N TRP A 195 -10.68 -2.25 11.80
CA TRP A 195 -9.68 -3.31 11.83
C TRP A 195 -8.27 -2.72 11.83
N SER A 196 -8.03 -1.74 10.96
CA SER A 196 -6.71 -1.09 10.92
C SER A 196 -6.35 -0.51 12.28
N PHE A 197 -7.32 0.09 12.96
CA PHE A 197 -7.06 0.62 14.29
C PHE A 197 -6.71 -0.49 15.28
N ALA A 198 -7.41 -1.64 15.20
CA ALA A 198 -7.08 -2.78 16.04
C ALA A 198 -5.63 -3.18 15.84
N VAL A 199 -5.15 -3.18 14.60
CA VAL A 199 -3.75 -3.54 14.36
C VAL A 199 -2.81 -2.47 14.93
N LEU A 200 -3.20 -1.19 14.85
CA LEU A 200 -2.43 -0.15 15.52
C LEU A 200 -2.38 -0.38 17.03
N LEU A 201 -3.50 -0.77 17.65
CA LEU A 201 -3.45 -1.12 19.07
C LEU A 201 -2.45 -2.23 19.31
N TRP A 202 -2.46 -3.27 18.47
CA TRP A 202 -1.51 -4.36 18.63
C TRP A 202 -0.08 -3.84 18.55
N GLU A 203 0.18 -2.95 17.59
CA GLU A 203 1.51 -2.38 17.37
C GLU A 203 1.94 -1.53 18.56
N LEU A 204 1.00 -0.79 19.17
CA LEU A 204 1.31 0.02 20.35
C LEU A 204 1.58 -0.86 21.56
N VAL A 205 0.97 -2.03 21.62
CA VAL A 205 1.15 -2.95 22.74
C VAL A 205 2.46 -3.73 22.60
N THR A 206 2.75 -4.25 21.41
CA THR A 206 3.94 -5.07 21.22
C THR A 206 5.20 -4.27 20.86
N ARG A 207 5.06 -3.05 20.34
CA ARG A 207 6.18 -2.32 19.75
C ARG A 207 6.92 -3.19 18.75
N GLU A 208 6.15 -3.93 17.95
CA GLU A 208 6.66 -4.72 16.85
C GLU A 208 5.90 -4.34 15.59
N VAL A 209 6.56 -4.46 14.44
CA VAL A 209 5.85 -4.30 13.16
C VAL A 209 5.01 -5.56 12.93
N PRO A 210 3.71 -5.43 12.65
CA PRO A 210 2.88 -6.63 12.45
C PRO A 210 3.37 -7.46 11.27
N PHE A 211 3.52 -8.77 11.51
CA PHE A 211 3.98 -9.72 10.48
C PHE A 211 5.31 -9.29 9.87
N ALA A 212 6.23 -8.82 10.72
CA ALA A 212 7.47 -8.23 10.21
C ALA A 212 8.32 -9.22 9.43
N ASP A 213 8.17 -10.51 9.72
CA ASP A 213 8.97 -11.54 9.07
C ASP A 213 8.45 -11.92 7.70
N LEU A 214 7.32 -11.38 7.26
CA LEU A 214 6.69 -11.78 6.00
C LEU A 214 6.70 -10.63 5.00
N SER A 215 6.79 -11.00 3.72
CA SER A 215 6.60 -10.06 2.63
C SER A 215 5.14 -9.61 2.57
N ASN A 216 4.91 -8.47 1.91
CA ASN A 216 3.55 -7.96 1.75
C ASN A 216 2.65 -8.97 1.02
N MET A 217 3.15 -9.61 -0.05
CA MET A 217 2.41 -10.69 -0.68
C MET A 217 2.05 -11.82 0.27
N GLU A 218 3.03 -12.31 1.04
CA GLU A 218 2.73 -13.36 2.00
C GLU A 218 1.65 -12.91 2.98
N ILE A 219 1.75 -11.67 3.47
CA ILE A 219 0.79 -11.18 4.45
C ILE A 219 -0.61 -11.16 3.87
N GLY A 220 -0.78 -10.51 2.72
CA GLY A 220 -2.12 -10.41 2.15
C GLY A 220 -2.74 -11.76 1.85
N MET A 221 -1.96 -12.66 1.24
CA MET A 221 -2.50 -13.97 0.89
C MET A 221 -2.83 -14.80 2.13
N LYS A 222 -1.97 -14.75 3.16
CA LYS A 222 -2.24 -15.56 4.33
C LYS A 222 -3.35 -14.99 5.20
N VAL A 223 -3.44 -13.67 5.32
CA VAL A 223 -4.55 -13.09 6.06
C VAL A 223 -5.87 -13.34 5.32
N ALA A 224 -5.87 -13.19 4.00
CA ALA A 224 -7.11 -13.33 3.23
C ALA A 224 -7.59 -14.77 3.15
N LEU A 225 -6.67 -15.71 2.93
CA LEU A 225 -7.06 -17.06 2.57
C LEU A 225 -6.73 -18.11 3.60
N GLU A 226 -5.84 -17.82 4.54
CA GLU A 226 -5.38 -18.82 5.51
C GLU A 226 -5.67 -18.41 6.93
N GLY A 227 -6.43 -17.34 7.15
CA GLY A 227 -6.81 -16.96 8.50
C GLY A 227 -5.70 -16.45 9.38
N LEU A 228 -4.60 -15.96 8.80
CA LEU A 228 -3.51 -15.42 9.61
C LEU A 228 -3.95 -14.16 10.34
N ARG A 229 -3.72 -14.12 11.65
CA ARG A 229 -4.06 -12.99 12.49
C ARG A 229 -2.90 -12.66 13.42
N PRO A 230 -2.84 -11.42 13.92
CA PRO A 230 -1.83 -11.10 14.94
C PRO A 230 -2.07 -11.91 16.20
N THR A 231 -0.99 -12.31 16.85
CA THR A 231 -1.14 -13.11 18.06
C THR A 231 -1.41 -12.18 19.24
N ILE A 232 -2.47 -12.49 19.98
CA ILE A 232 -2.84 -11.63 21.10
C ILE A 232 -1.69 -11.62 22.11
N PRO A 233 -1.22 -10.45 22.54
CA PRO A 233 0.01 -10.39 23.32
C PRO A 233 -0.21 -10.92 24.73
N PRO A 234 0.76 -11.62 25.28
CA PRO A 234 0.64 -12.10 26.66
C PRO A 234 0.88 -10.98 27.66
N GLY A 235 0.25 -11.11 28.81
CA GLY A 235 0.55 -10.24 29.93
C GLY A 235 0.03 -8.82 29.81
N ILE A 236 -1.05 -8.61 29.07
CA ILE A 236 -1.68 -7.30 29.00
C ILE A 236 -2.97 -7.36 29.82
N SER A 237 -3.47 -6.17 30.15
CA SER A 237 -4.66 -6.11 31.00
C SER A 237 -5.85 -6.70 30.26
N PRO A 238 -6.80 -7.29 30.98
CA PRO A 238 -8.02 -7.77 30.31
C PRO A 238 -8.76 -6.68 29.58
N HIS A 239 -8.65 -5.43 30.05
CA HIS A 239 -9.34 -4.33 29.40
C HIS A 239 -8.75 -4.01 28.03
N VAL A 240 -7.42 -4.03 27.93
CA VAL A 240 -6.78 -3.78 26.65
C VAL A 240 -7.00 -4.98 25.72
N SER A 241 -6.92 -6.19 26.27
CA SER A 241 -7.20 -7.38 25.47
C SER A 241 -8.61 -7.33 24.91
N LYS A 242 -9.59 -6.93 25.75
CA LYS A 242 -10.98 -6.90 25.31
C LYS A 242 -11.19 -5.86 24.21
N LEU A 243 -10.61 -4.66 24.39
CA LEU A 243 -10.74 -3.63 23.38
C LEU A 243 -10.13 -4.09 22.06
N MET A 244 -8.97 -4.72 22.11
CA MET A 244 -8.33 -5.08 20.87
C MET A 244 -9.12 -6.18 20.17
N LYS A 245 -9.72 -7.10 20.94
CA LYS A 245 -10.52 -8.17 20.35
C LYS A 245 -11.78 -7.63 19.68
N ILE A 246 -12.47 -6.66 20.30
CA ILE A 246 -13.71 -6.16 19.69
C ILE A 246 -13.41 -5.33 18.45
N CYS A 247 -12.30 -4.58 18.47
CA CYS A 247 -11.97 -3.79 17.29
C CYS A 247 -11.54 -4.67 16.13
N MET A 248 -11.04 -5.88 16.42
CA MET A 248 -10.60 -6.84 15.41
C MET A 248 -11.61 -7.97 15.22
N ASN A 249 -12.89 -7.68 15.42
CA ASN A 249 -13.93 -8.69 15.20
C ASN A 249 -13.90 -9.16 13.76
N GLU A 250 -14.01 -10.48 13.57
CA GLU A 250 -14.05 -11.02 12.22
C GLU A 250 -15.24 -10.48 11.43
N ASP A 251 -16.36 -10.27 12.11
CA ASP A 251 -17.55 -9.71 11.48
C ASP A 251 -17.45 -8.19 11.46
N PRO A 252 -17.28 -7.58 10.27
CA PRO A 252 -17.19 -6.11 10.22
C PRO A 252 -18.32 -5.39 10.93
N ALA A 253 -19.54 -5.93 10.90
CA ALA A 253 -20.68 -5.23 11.48
C ALA A 253 -20.66 -5.22 13.00
N LYS A 254 -19.87 -6.09 13.63
CA LYS A 254 -19.77 -6.13 15.08
C LYS A 254 -18.64 -5.27 15.63
N ARG A 255 -17.79 -4.73 14.76
CA ARG A 255 -16.73 -3.86 15.24
C ARG A 255 -17.35 -2.55 15.72
N PRO A 256 -16.81 -1.94 16.76
CA PRO A 256 -17.34 -0.65 17.22
C PRO A 256 -17.04 0.46 16.22
N LYS A 257 -17.82 1.53 16.31
CA LYS A 257 -17.48 2.77 15.63
C LYS A 257 -16.39 3.51 16.40
N PHE A 258 -15.65 4.36 15.67
CA PHE A 258 -14.63 5.16 16.34
C PHE A 258 -15.22 6.02 17.43
N ASP A 259 -16.43 6.58 17.20
CA ASP A 259 -16.99 7.45 18.23
C ASP A 259 -17.43 6.67 19.47
N MET A 260 -17.49 5.34 19.37
CA MET A 260 -17.73 4.51 20.54
C MET A 260 -16.45 4.23 21.32
N ILE A 261 -15.33 4.06 20.62
CA ILE A 261 -14.11 3.78 21.37
C ILE A 261 -13.42 5.04 21.88
N VAL A 262 -13.73 6.22 21.35
CA VAL A 262 -13.15 7.44 21.92
C VAL A 262 -13.40 7.55 23.42
N PRO A 263 -14.63 7.45 23.93
CA PRO A 263 -14.80 7.56 25.39
C PRO A 263 -14.15 6.41 26.16
N ILE A 264 -14.05 5.22 25.59
CA ILE A 264 -13.32 4.12 26.23
C ILE A 264 -11.85 4.50 26.41
N LEU A 265 -11.24 5.05 25.36
CA LEU A 265 -9.84 5.44 25.43
C LEU A 265 -9.62 6.65 26.33
N GLU A 266 -10.58 7.56 26.39
CA GLU A 266 -10.48 8.68 27.31
C GLU A 266 -10.35 8.21 28.75
N LYS A 267 -11.13 7.20 29.12
CA LYS A 267 -11.07 6.70 30.49
C LYS A 267 -9.76 5.95 30.77
N MET A 268 -9.06 5.52 29.72
CA MET A 268 -7.78 4.84 29.88
C MET A 268 -6.61 5.79 30.02
N GLN A 269 -6.83 7.09 29.83
CA GLN A 269 -5.76 8.06 29.96
C GLN A 269 -5.37 8.20 31.42
N ASP A 270 -4.13 8.62 31.65
CA ASP A 270 -3.73 9.05 32.98
C ASP A 270 -4.42 10.36 33.36
N LYS A 271 -4.49 11.29 32.41
CA LYS A 271 -5.20 12.56 32.59
C LYS A 271 -6.40 12.64 31.65
N ALA B 6 18.15 -12.07 -30.06
CA ALA B 6 19.18 -12.24 -29.04
C ALA B 6 18.83 -13.40 -28.12
N PHE B 7 17.77 -13.22 -27.34
CA PHE B 7 17.21 -14.34 -26.57
C PHE B 7 16.78 -15.48 -27.48
N ASP B 8 16.45 -15.17 -28.74
CA ASP B 8 16.06 -16.19 -29.70
C ASP B 8 17.20 -17.14 -30.02
N THR B 9 18.45 -16.67 -29.90
CA THR B 9 19.59 -17.56 -30.11
C THR B 9 19.83 -18.47 -28.92
N LEU B 10 19.57 -17.97 -27.71
CA LEU B 10 19.57 -18.85 -26.53
C LEU B 10 18.49 -19.90 -26.62
N PHE B 11 17.43 -19.63 -27.40
CA PHE B 11 16.29 -20.53 -27.52
C PHE B 11 16.54 -21.62 -28.55
N ASP B 12 16.80 -21.24 -29.80
CA ASP B 12 16.78 -22.16 -30.92
C ASP B 12 18.09 -22.91 -31.12
N HIS B 13 19.21 -22.20 -31.13
CA HIS B 13 20.47 -22.81 -31.56
C HIS B 13 21.50 -22.90 -30.45
N ALA B 14 21.04 -23.37 -29.29
CA ALA B 14 21.85 -23.94 -28.22
C ALA B 14 20.94 -24.72 -27.28
N PRO B 15 20.22 -25.73 -27.77
CA PRO B 15 19.12 -26.31 -26.97
C PRO B 15 19.55 -26.91 -25.63
N ASP B 16 20.85 -27.08 -25.38
CA ASP B 16 21.27 -27.42 -24.03
C ASP B 16 21.59 -26.20 -23.18
N LYS B 17 21.82 -25.04 -23.81
CA LYS B 17 21.73 -23.77 -23.08
C LYS B 17 20.29 -23.45 -22.74
N LEU B 18 19.41 -23.53 -23.75
CA LEU B 18 17.97 -23.35 -23.54
C LEU B 18 17.45 -24.09 -22.32
N ASN B 19 17.80 -25.37 -22.20
CA ASN B 19 17.38 -26.13 -21.03
C ASN B 19 18.01 -25.58 -19.75
N VAL B 20 19.24 -25.06 -19.83
CA VAL B 20 19.85 -24.43 -18.67
C VAL B 20 19.18 -23.10 -18.37
N VAL B 21 18.74 -22.37 -19.40
CA VAL B 21 17.91 -21.19 -19.15
C VAL B 21 16.61 -21.59 -18.48
N LYS B 22 15.99 -22.69 -18.94
CA LYS B 22 14.76 -23.16 -18.31
C LYS B 22 15.00 -23.61 -16.87
N LYS B 23 16.13 -24.28 -16.61
CA LYS B 23 16.42 -24.67 -15.25
C LYS B 23 16.74 -23.48 -14.37
N THR B 24 17.32 -22.43 -14.97
CA THR B 24 17.55 -21.19 -14.23
C THR B 24 16.22 -20.54 -13.84
N LEU B 25 15.32 -20.42 -14.81
CA LEU B 25 14.02 -19.80 -14.56
C LEU B 25 13.20 -20.60 -13.55
N ILE B 26 13.38 -21.92 -13.50
CA ILE B 26 12.66 -22.73 -12.52
C ILE B 26 13.08 -22.40 -11.10
N THR B 27 14.39 -22.44 -10.84
CA THR B 27 14.88 -22.13 -9.50
C THR B 27 14.41 -20.75 -9.05
N PHE B 28 14.41 -19.79 -9.97
CA PHE B 28 14.06 -18.41 -9.66
C PHE B 28 12.61 -18.29 -9.20
N VAL B 29 11.68 -18.85 -9.97
CA VAL B 29 10.27 -18.65 -9.62
C VAL B 29 9.88 -19.39 -8.35
N ASN B 30 10.48 -20.55 -8.07
CA ASN B 30 10.16 -21.27 -6.84
C ASN B 30 10.69 -20.53 -5.61
N LYS B 31 11.86 -19.90 -5.74
CA LYS B 31 12.41 -19.10 -4.64
C LYS B 31 11.35 -18.17 -4.07
N HIS B 32 10.51 -17.64 -4.93
CA HIS B 32 9.48 -16.70 -4.50
C HIS B 32 8.13 -17.39 -4.26
N LEU B 33 7.65 -18.19 -5.23
CA LEU B 33 6.32 -18.78 -5.07
C LEU B 33 6.24 -19.82 -3.95
N ASN B 34 7.35 -20.48 -3.60
CA ASN B 34 7.28 -21.39 -2.46
C ASN B 34 6.90 -20.67 -1.16
N LYS B 35 7.12 -19.35 -1.09
CA LYS B 35 6.69 -18.58 0.08
C LYS B 35 5.17 -18.57 0.23
N LEU B 36 4.43 -18.79 -0.86
CA LEU B 36 2.99 -18.96 -0.82
C LEU B 36 2.59 -20.42 -0.83
N ASN B 37 3.54 -21.33 -0.61
CA ASN B 37 3.32 -22.77 -0.66
C ASN B 37 2.92 -23.23 -2.07
N LEU B 38 3.46 -22.56 -3.08
CA LEU B 38 3.19 -22.89 -4.48
C LEU B 38 4.48 -23.38 -5.14
N GLU B 39 4.39 -24.51 -5.85
CA GLU B 39 5.53 -25.09 -6.54
C GLU B 39 5.33 -25.03 -8.05
N VAL B 40 6.41 -24.75 -8.78
CA VAL B 40 6.41 -24.79 -10.23
C VAL B 40 7.34 -25.91 -10.66
N THR B 41 6.78 -26.89 -11.37
CA THR B 41 7.59 -27.96 -11.96
C THR B 41 7.61 -27.90 -13.48
N GLU B 42 6.78 -27.06 -14.10
CA GLU B 42 6.59 -27.07 -15.53
C GLU B 42 6.37 -25.63 -16.04
N LEU B 43 7.40 -25.07 -16.66
CA LEU B 43 7.29 -23.74 -17.22
C LEU B 43 6.37 -23.68 -18.44
N GLU B 44 6.12 -24.82 -19.10
CA GLU B 44 5.34 -24.78 -20.33
C GLU B 44 3.88 -24.45 -20.10
N THR B 45 3.34 -24.71 -18.90
CA THR B 45 1.90 -24.53 -18.69
C THR B 45 1.55 -23.73 -17.43
N GLN B 46 2.42 -23.74 -16.43
CA GLN B 46 1.98 -23.27 -15.12
C GLN B 46 1.90 -21.75 -15.01
N PHE B 47 2.31 -21.01 -16.04
CA PHE B 47 2.11 -19.56 -16.08
C PHE B 47 1.04 -19.13 -17.08
N ALA B 48 0.41 -20.08 -17.77
CA ALA B 48 -0.47 -19.73 -18.86
C ALA B 48 -1.73 -18.99 -18.38
N ASP B 49 -2.21 -19.25 -17.17
CA ASP B 49 -3.47 -18.63 -16.76
C ASP B 49 -3.28 -17.28 -16.06
N GLY B 50 -2.04 -16.79 -15.99
CA GLY B 50 -1.76 -15.47 -15.48
C GLY B 50 -1.63 -15.35 -13.98
N VAL B 51 -2.11 -16.34 -13.23
CA VAL B 51 -2.17 -16.22 -11.77
C VAL B 51 -0.77 -16.12 -11.17
N TYR B 52 0.11 -17.06 -11.53
CA TYR B 52 1.43 -17.06 -10.92
C TYR B 52 2.26 -15.85 -11.36
N LEU B 53 2.02 -15.31 -12.55
CA LEU B 53 2.70 -14.07 -12.96
C LEU B 53 2.30 -12.92 -12.05
N VAL B 54 1.00 -12.82 -11.74
CA VAL B 54 0.52 -11.75 -10.85
C VAL B 54 1.13 -11.92 -9.46
N LEU B 55 1.07 -13.13 -8.92
CA LEU B 55 1.64 -13.37 -7.59
C LEU B 55 3.13 -13.14 -7.57
N LEU B 56 3.82 -13.57 -8.63
CA LEU B 56 5.26 -13.37 -8.70
C LEU B 56 5.62 -11.89 -8.70
N MET B 57 4.91 -11.08 -9.50
CA MET B 57 5.15 -9.63 -9.50
C MET B 57 5.06 -9.02 -8.12
N GLY B 58 4.05 -9.40 -7.33
CA GLY B 58 3.96 -8.85 -5.98
C GLY B 58 5.10 -9.31 -5.09
N LEU B 59 5.51 -10.58 -5.24
CA LEU B 59 6.64 -11.07 -4.47
C LEU B 59 7.93 -10.35 -4.84
N LEU B 60 8.08 -9.99 -6.12
CA LEU B 60 9.34 -9.39 -6.59
C LEU B 60 9.40 -7.91 -6.30
N GLU B 61 8.27 -7.23 -6.27
CA GLU B 61 8.23 -5.77 -6.14
C GLU B 61 7.65 -5.33 -4.81
N GLY B 62 7.32 -6.25 -3.92
CA GLY B 62 7.02 -5.91 -2.55
C GLY B 62 5.62 -5.44 -2.24
N TYR B 63 4.60 -5.98 -2.93
CA TYR B 63 3.22 -5.64 -2.64
C TYR B 63 2.33 -6.88 -2.67
N PHE B 64 1.18 -6.75 -2.05
CA PHE B 64 0.08 -7.69 -2.20
C PHE B 64 -0.85 -7.18 -3.32
N VAL B 65 -1.43 -8.10 -4.07
CA VAL B 65 -2.41 -7.74 -5.10
C VAL B 65 -3.80 -8.09 -4.57
N PRO B 66 -4.65 -7.11 -4.29
CA PRO B 66 -5.99 -7.42 -3.79
C PRO B 66 -6.70 -8.39 -4.71
N LEU B 67 -7.42 -9.36 -4.13
CA LEU B 67 -7.93 -10.47 -4.93
C LEU B 67 -9.03 -10.03 -5.89
N HIS B 68 -9.64 -8.87 -5.66
CA HIS B 68 -10.63 -8.35 -6.60
C HIS B 68 -10.00 -7.72 -7.84
N SER B 69 -8.67 -7.60 -7.89
CA SER B 69 -7.98 -6.98 -9.01
C SER B 69 -7.71 -7.94 -10.15
N PHE B 70 -7.86 -9.24 -9.93
CA PHE B 70 -7.58 -10.23 -10.97
C PHE B 70 -8.40 -11.47 -10.65
N PHE B 71 -8.27 -12.50 -11.50
CA PHE B 71 -9.04 -13.73 -11.33
C PHE B 71 -8.13 -14.80 -10.75
N LEU B 72 -8.24 -15.03 -9.43
CA LEU B 72 -7.38 -16.00 -8.78
C LEU B 72 -7.64 -17.42 -9.29
N THR B 73 -8.87 -17.71 -9.72
CA THR B 73 -9.24 -18.99 -10.31
C THR B 73 -9.98 -18.72 -11.62
N PRO B 74 -9.24 -18.40 -12.67
CA PRO B 74 -9.88 -18.00 -13.93
C PRO B 74 -10.70 -19.12 -14.53
N ASP B 75 -11.90 -18.78 -15.01
CA ASP B 75 -12.83 -19.80 -15.50
C ASP B 75 -13.05 -19.72 -17.01
N SER B 76 -12.17 -19.00 -17.72
CA SER B 76 -12.33 -18.85 -19.16
C SER B 76 -11.01 -18.37 -19.76
N PHE B 77 -10.87 -18.63 -21.07
CA PHE B 77 -9.75 -18.09 -21.82
C PHE B 77 -9.67 -16.58 -21.66
N GLU B 78 -10.82 -15.92 -21.69
CA GLU B 78 -10.88 -14.46 -21.56
C GLU B 78 -10.34 -14.00 -20.21
N GLN B 79 -10.71 -14.70 -19.12
CA GLN B 79 -10.20 -14.28 -17.82
C GLN B 79 -8.70 -14.50 -17.71
N LYS B 80 -8.19 -15.58 -18.32
CA LYS B 80 -6.75 -15.79 -18.33
C LYS B 80 -6.03 -14.70 -19.11
N VAL B 81 -6.60 -14.25 -20.24
CA VAL B 81 -6.00 -13.16 -21.00
C VAL B 81 -5.98 -11.88 -20.18
N LEU B 82 -7.08 -11.61 -19.47
CA LEU B 82 -7.14 -10.44 -18.59
C LEU B 82 -6.11 -10.53 -17.48
N ASN B 83 -5.92 -11.71 -16.90
CA ASN B 83 -4.88 -11.86 -15.87
C ASN B 83 -3.51 -11.55 -16.42
N VAL B 84 -3.18 -12.13 -17.58
CA VAL B 84 -1.85 -11.91 -18.15
C VAL B 84 -1.66 -10.45 -18.52
N SER B 85 -2.69 -9.82 -19.09
CA SER B 85 -2.59 -8.40 -19.42
C SER B 85 -2.35 -7.57 -18.16
N PHE B 86 -3.03 -7.91 -17.06
CA PHE B 86 -2.82 -7.21 -15.80
C PHE B 86 -1.41 -7.42 -15.27
N ALA B 87 -0.90 -8.66 -15.35
CA ALA B 87 0.49 -8.90 -14.95
C ALA B 87 1.45 -8.08 -15.80
N PHE B 88 1.16 -7.97 -17.10
CA PHE B 88 1.99 -7.15 -17.98
C PHE B 88 1.97 -5.69 -17.52
N GLU B 89 0.80 -5.19 -17.09
CA GLU B 89 0.72 -3.83 -16.58
C GLU B 89 1.53 -3.67 -15.30
N LEU B 90 1.46 -4.65 -14.38
CA LEU B 90 2.30 -4.60 -13.19
C LEU B 90 3.77 -4.55 -13.56
N MET B 91 4.15 -5.30 -14.60
CA MET B 91 5.52 -5.29 -15.06
C MET B 91 5.94 -3.88 -15.49
N GLN B 92 5.08 -3.20 -16.25
CA GLN B 92 5.37 -1.85 -16.68
C GLN B 92 5.39 -0.89 -15.50
N ASP B 93 4.50 -1.10 -14.52
CA ASP B 93 4.54 -0.29 -13.29
C ASP B 93 5.91 -0.35 -12.64
N GLY B 94 6.55 -1.52 -12.69
CA GLY B 94 7.84 -1.78 -12.09
C GLY B 94 9.03 -1.33 -12.89
N GLY B 95 8.83 -0.77 -14.07
CA GLY B 95 9.92 -0.24 -14.88
C GLY B 95 10.27 -1.04 -16.12
N LEU B 96 9.65 -2.19 -16.33
CA LEU B 96 9.89 -2.92 -17.57
C LEU B 96 9.15 -2.28 -18.72
N GLU B 97 9.74 -2.35 -19.92
CA GLU B 97 9.02 -1.84 -21.07
C GLU B 97 7.94 -2.85 -21.44
N LYS B 98 6.96 -2.38 -22.21
CA LYS B 98 5.82 -3.22 -22.56
C LYS B 98 6.31 -4.57 -23.08
N PRO B 99 5.78 -5.68 -22.55
CA PRO B 99 6.24 -7.00 -23.01
C PRO B 99 5.94 -7.22 -24.48
N LYS B 100 6.83 -7.99 -25.13
CA LYS B 100 6.65 -8.27 -26.56
C LYS B 100 5.44 -9.16 -26.84
N PRO B 101 5.28 -10.33 -26.19
CA PRO B 101 4.16 -11.21 -26.55
C PRO B 101 2.81 -10.55 -26.29
N ARG B 102 1.84 -10.89 -27.13
CA ARG B 102 0.48 -10.60 -26.77
C ARG B 102 0.11 -11.46 -25.57
N PRO B 103 -0.85 -11.02 -24.74
CA PRO B 103 -1.23 -11.85 -23.58
C PRO B 103 -1.71 -13.24 -23.97
N GLU B 104 -2.37 -13.37 -25.13
CA GLU B 104 -2.85 -14.67 -25.57
C GLU B 104 -1.71 -15.64 -25.87
N ASP B 105 -0.53 -15.12 -26.24
CA ASP B 105 0.61 -16.01 -26.45
C ASP B 105 0.98 -16.76 -25.19
N ILE B 106 0.86 -16.11 -24.03
CA ILE B 106 1.13 -16.78 -22.76
C ILE B 106 0.02 -17.79 -22.45
N VAL B 107 -1.23 -17.38 -22.67
CA VAL B 107 -2.36 -18.28 -22.37
C VAL B 107 -2.29 -19.52 -23.24
N ASN B 108 -1.76 -19.40 -24.46
CA ASN B 108 -1.65 -20.53 -25.40
C ASN B 108 -0.39 -21.38 -25.18
N CYS B 109 0.34 -21.18 -24.08
CA CYS B 109 1.51 -21.97 -23.75
C CYS B 109 2.56 -21.94 -24.86
N ASP B 110 2.80 -20.76 -25.41
CA ASP B 110 3.96 -20.57 -26.28
C ASP B 110 5.19 -20.54 -25.41
N LEU B 111 6.04 -21.57 -25.53
CA LEU B 111 7.18 -21.67 -24.62
C LEU B 111 8.14 -20.50 -24.80
N LYS B 112 8.30 -20.02 -26.03
CA LYS B 112 9.17 -18.87 -26.27
C LYS B 112 8.61 -17.61 -25.62
N SER B 113 7.33 -17.29 -25.90
CA SER B 113 6.70 -16.13 -25.29
C SER B 113 6.79 -16.18 -23.77
N THR B 114 6.62 -17.38 -23.20
CA THR B 114 6.65 -17.54 -21.75
C THR B 114 8.05 -17.36 -21.20
N LEU B 115 9.06 -17.99 -21.83
CA LEU B 115 10.42 -17.85 -21.32
C LEU B 115 10.96 -16.45 -21.54
N ARG B 116 10.55 -15.75 -22.61
CA ARG B 116 10.95 -14.36 -22.78
C ARG B 116 10.46 -13.52 -21.61
N VAL B 117 9.17 -13.62 -21.28
CA VAL B 117 8.62 -12.84 -20.18
C VAL B 117 9.31 -13.22 -18.88
N LEU B 118 9.49 -14.52 -18.64
CA LEU B 118 10.14 -14.96 -17.42
C LEU B 118 11.59 -14.53 -17.38
N TYR B 119 12.26 -14.53 -18.54
CA TYR B 119 13.67 -14.16 -18.56
C TYR B 119 13.85 -12.67 -18.24
N ASN B 120 12.99 -11.81 -18.78
CA ASN B 120 13.08 -10.39 -18.46
C ASN B 120 12.84 -10.14 -16.98
N LEU B 121 11.90 -10.87 -16.36
CA LEU B 121 11.77 -10.81 -14.91
C LEU B 121 13.05 -11.29 -14.22
N PHE B 122 13.68 -12.32 -14.77
CA PHE B 122 14.84 -12.86 -14.08
C PHE B 122 16.03 -11.92 -14.17
N THR B 123 16.25 -11.32 -15.35
CA THR B 123 17.32 -10.34 -15.53
C THR B 123 17.21 -9.21 -14.52
N LYS B 124 15.99 -8.77 -14.24
CA LYS B 124 15.78 -7.60 -13.39
C LYS B 124 15.86 -7.94 -11.92
N TYR B 125 15.36 -9.12 -11.52
CA TYR B 125 15.09 -9.40 -10.13
C TYR B 125 15.91 -10.56 -9.54
N ARG B 126 17.03 -10.95 -10.17
CA ARG B 126 17.79 -12.10 -9.66
C ARG B 126 18.05 -12.01 -8.16
N ASN B 127 18.35 -10.81 -7.68
CA ASN B 127 18.96 -10.63 -6.37
C ASN B 127 17.95 -10.35 -5.26
N VAL B 128 16.66 -10.24 -5.59
CA VAL B 128 15.64 -10.07 -4.56
C VAL B 128 15.60 -11.31 -3.67
N GLU B 129 15.61 -11.10 -2.36
CA GLU B 129 15.49 -12.19 -1.41
C GLU B 129 14.03 -12.56 -1.19
#